data_8GFP
#
_entry.id   8GFP
#
_cell.length_a   178.822
_cell.length_b   178.822
_cell.length_c   178.822
_cell.angle_alpha   90.000
_cell.angle_beta   90.000
_cell.angle_gamma   90.000
#
_symmetry.space_group_name_H-M   'I 2 3'
#
loop_
_entity.id
_entity.type
_entity.pdbx_description
1 polymer 'Lytic transglycosylase domain-containing protein'
2 non-polymer '2-DEOXY-2,3-DEHYDRO-N-ACETYL-NEURAMINIC ACID'
3 non-polymer 'CITRIC ACID'
4 non-polymer 'PENTAETHYLENE GLYCOL'
5 water water
#
_entity_poly.entity_id   1
_entity_poly.type   'polypeptide(L)'
_entity_poly.pdbx_seq_one_letter_code
;MGSSHHHHHHSSGLVPRGSHMQYSIEKLKKEENSLAKDYYIYRLLEKNKISKKDAQDLNSHIFRYIGKIKSELEKIIPLK
PYINPKYAKCYTYTANTILDANLTCQSVRLNSLVFIASLNSKDRTTLAQTFKNQRPDLTNLLLAFNTSDPMSYIVQKEDI
NGFFKLYNYSKKYDLDLNTSLVNKLPNHIGFKDFAQNIIIKKENPKFRHSMLEINPENVSEDSAFYLGVNALTYDKTELA
YDFFKKAAQSFKSQSNKDNAIFWMWLIKNNEEDLKTLSQSSSLNIYSLYAKELTNTPFPKIESLNPSKKKNNFNMQDPFA
WQKINKQIRDANASQLDVLAKEFDTQETLPIYAYILERKNNFKKHYFIMPYYDNIKDYNKTRQALILAIARQESRFIPTA
ISVSYALGMMQFMPFLANHIGEKELKIPNFDQDFMFKPEIAYYFGNYHLNYLESRLKSPLFVAYAYNGGIGFTNRMLARN
DMFKTGKFEPFLSMELVPYQESRIYGKKVLANYIVYRHLLNDSIKISDIFENLIQNKANDLNKS
;
_entity_poly.pdbx_strand_id   A
#
# COMPACT_ATOMS: atom_id res chain seq x y z
N MET A 21 13.35 -10.69 26.38
CA MET A 21 13.83 -12.04 25.98
C MET A 21 14.57 -11.96 24.63
N GLN A 22 15.75 -12.59 24.61
CA GLN A 22 16.61 -12.62 23.43
C GLN A 22 16.74 -14.07 22.96
N TYR A 23 17.12 -14.21 21.69
CA TYR A 23 17.34 -15.50 21.10
C TYR A 23 18.72 -15.44 20.44
N SER A 24 19.56 -16.43 20.75
CA SER A 24 20.83 -16.62 20.05
C SER A 24 20.52 -17.00 18.60
N ILE A 25 21.51 -16.80 17.74
CA ILE A 25 21.36 -17.17 16.35
C ILE A 25 21.07 -18.66 16.24
N GLU A 26 21.53 -19.46 17.23
CA GLU A 26 21.39 -20.91 17.18
C GLU A 26 19.94 -21.33 17.43
N LYS A 27 19.26 -20.67 18.40
CA LYS A 27 17.85 -20.93 18.71
C LYS A 27 16.96 -20.52 17.54
N LEU A 28 17.27 -19.36 16.96
CA LEU A 28 16.47 -18.81 15.88
C LEU A 28 16.53 -19.73 14.68
N LYS A 29 17.71 -20.31 14.42
CA LYS A 29 17.92 -21.19 13.28
C LYS A 29 16.99 -22.39 13.39
N LYS A 30 16.52 -22.75 14.60
CA LYS A 30 15.60 -23.86 14.84
C LYS A 30 14.14 -23.48 14.63
N GLU A 31 13.82 -22.19 14.56
CA GLU A 31 12.45 -21.76 14.27
C GLU A 31 12.21 -21.81 12.77
N GLU A 32 10.94 -21.94 12.38
CA GLU A 32 10.51 -21.83 10.99
C GLU A 32 10.77 -20.40 10.49
N ASN A 33 11.05 -20.29 9.19
CA ASN A 33 11.25 -19.01 8.52
C ASN A 33 9.94 -18.21 8.62
N SER A 34 10.03 -16.96 9.11
CA SER A 34 8.90 -16.05 9.21
C SER A 34 9.41 -14.64 9.42
N LEU A 35 8.49 -13.66 9.34
CA LEU A 35 8.82 -12.28 9.65
C LEU A 35 9.30 -12.10 11.11
N ALA A 36 8.81 -12.94 12.03
CA ALA A 36 9.20 -12.89 13.42
C ALA A 36 10.66 -13.32 13.55
N LYS A 37 11.03 -14.36 12.80
CA LYS A 37 12.38 -14.87 12.88
C LYS A 37 13.29 -13.85 12.21
N ASP A 38 12.87 -13.26 11.08
CA ASP A 38 13.62 -12.20 10.43
C ASP A 38 13.88 -11.01 11.36
N TYR A 39 12.82 -10.59 12.08
CA TYR A 39 12.87 -9.47 13.01
C TYR A 39 14.00 -9.68 14.03
N TYR A 40 14.04 -10.89 14.62
CA TYR A 40 15.03 -11.23 15.64
C TYR A 40 16.45 -11.39 15.10
N ILE A 41 16.60 -11.81 13.83
CA ILE A 41 17.90 -11.86 13.19
C ILE A 41 18.38 -10.43 12.96
N TYR A 42 17.45 -9.58 12.55
CA TYR A 42 17.75 -8.17 12.34
C TYR A 42 18.16 -7.49 13.65
N ARG A 43 17.56 -7.86 14.80
CA ARG A 43 17.99 -7.27 16.07
C ARG A 43 19.45 -7.68 16.38
N LEU A 44 19.84 -8.91 16.07
CA LEU A 44 21.23 -9.33 16.22
C LEU A 44 22.14 -8.53 15.29
N LEU A 45 21.76 -8.37 14.01
CA LEU A 45 22.60 -7.62 13.10
C LEU A 45 22.83 -6.19 13.59
N GLU A 46 21.77 -5.54 14.08
CA GLU A 46 21.89 -4.11 14.39
C GLU A 46 22.73 -3.98 15.68
N LYS A 47 22.83 -5.02 16.51
CA LYS A 47 23.71 -5.03 17.68
C LYS A 47 25.11 -5.62 17.41
N ASN A 48 25.41 -5.94 16.15
CA ASN A 48 26.72 -6.44 15.71
C ASN A 48 27.04 -7.80 16.34
N LYS A 49 26.03 -8.65 16.57
CA LYS A 49 26.23 -9.95 17.21
C LYS A 49 26.24 -11.10 16.18
N ILE A 50 26.19 -10.81 14.87
CA ILE A 50 26.36 -11.83 13.83
C ILE A 50 27.78 -11.73 13.24
N SER A 51 28.58 -12.75 13.55
CA SER A 51 29.95 -12.86 13.02
C SER A 51 29.91 -13.22 11.52
N LYS A 52 31.02 -12.97 10.82
CA LYS A 52 31.19 -13.42 9.44
C LYS A 52 30.97 -14.94 9.29
N LYS A 53 31.24 -15.72 10.34
CA LYS A 53 31.01 -17.16 10.27
C LYS A 53 29.52 -17.49 10.37
N ASP A 54 28.80 -16.88 11.32
CA ASP A 54 27.38 -17.11 11.53
C ASP A 54 26.61 -16.73 10.27
N ALA A 55 27.12 -15.69 9.59
CA ALA A 55 26.49 -15.15 8.40
C ALA A 55 26.61 -16.08 7.19
N GLN A 56 27.41 -17.16 7.26
CA GLN A 56 27.62 -17.99 6.07
C GLN A 56 26.30 -18.59 5.57
N ASP A 57 25.56 -19.32 6.41
CA ASP A 57 24.41 -20.06 5.87
C ASP A 57 23.11 -19.26 6.00
N LEU A 58 23.20 -17.94 6.19
CA LEU A 58 22.12 -17.24 6.86
C LEU A 58 20.99 -16.92 5.90
N ASN A 59 21.28 -16.79 4.60
CA ASN A 59 20.32 -16.46 3.55
C ASN A 59 19.10 -17.38 3.53
N SER A 60 19.34 -18.69 3.67
CA SER A 60 18.30 -19.69 3.70
C SER A 60 17.49 -19.67 5.00
N HIS A 61 17.82 -18.78 5.95
CA HIS A 61 17.08 -18.59 7.19
C HIS A 61 16.22 -17.33 7.19
N ILE A 62 16.26 -16.56 6.12
CA ILE A 62 15.55 -15.30 6.05
C ILE A 62 14.30 -15.45 5.15
N PHE A 63 13.12 -15.26 5.76
CA PHE A 63 11.84 -15.36 5.09
C PHE A 63 11.67 -14.30 4.00
N ARG A 64 12.01 -13.03 4.27
CA ARG A 64 11.82 -11.99 3.27
C ARG A 64 13.08 -11.12 3.18
N TYR A 65 13.86 -11.36 2.11
CA TYR A 65 15.23 -10.88 1.99
C TYR A 65 15.23 -9.58 1.21
N ILE A 66 14.71 -8.54 1.86
CA ILE A 66 14.46 -7.27 1.21
C ILE A 66 14.68 -6.16 2.25
N GLY A 67 15.19 -5.01 1.79
CA GLY A 67 15.36 -3.84 2.62
C GLY A 67 16.45 -4.05 3.67
N LYS A 68 16.20 -3.54 4.88
CA LYS A 68 17.22 -3.32 5.87
C LYS A 68 17.96 -4.61 6.22
N ILE A 69 17.25 -5.76 6.30
CA ILE A 69 17.93 -6.97 6.73
C ILE A 69 18.96 -7.42 5.68
N LYS A 70 18.67 -7.13 4.40
CA LYS A 70 19.54 -7.42 3.27
C LYS A 70 20.74 -6.50 3.26
N SER A 71 20.53 -5.19 3.41
CA SER A 71 21.65 -4.27 3.37
C SER A 71 22.56 -4.48 4.59
N GLU A 72 22.00 -4.96 5.71
CA GLU A 72 22.78 -5.26 6.91
C GLU A 72 23.59 -6.55 6.72
N LEU A 73 22.98 -7.59 6.16
CA LEU A 73 23.69 -8.85 5.96
C LEU A 73 24.83 -8.67 4.96
N GLU A 74 24.68 -7.74 3.99
CA GLU A 74 25.59 -7.54 2.87
C GLU A 74 26.76 -6.65 3.27
N LYS A 75 26.65 -5.98 4.42
CA LYS A 75 27.80 -5.33 5.03
C LYS A 75 28.79 -6.38 5.52
N ILE A 76 28.29 -7.55 5.92
CA ILE A 76 29.14 -8.60 6.48
C ILE A 76 29.64 -9.52 5.34
N ILE A 77 28.76 -9.86 4.39
CA ILE A 77 29.07 -10.75 3.30
C ILE A 77 28.48 -10.18 2.01
N PRO A 78 29.24 -9.33 1.25
CA PRO A 78 28.69 -8.75 0.02
C PRO A 78 28.16 -9.84 -0.92
N LEU A 79 27.24 -9.48 -1.81
CA LEU A 79 27.07 -10.27 -3.02
C LEU A 79 27.45 -9.40 -4.21
N LYS A 80 28.28 -9.97 -5.09
CA LYS A 80 28.42 -9.53 -6.47
C LYS A 80 27.28 -10.15 -7.29
N PRO A 81 26.94 -11.46 -7.12
CA PRO A 81 25.90 -12.12 -7.93
C PRO A 81 24.71 -11.22 -8.31
N TYR A 82 23.95 -11.53 -9.37
CA TYR A 82 24.00 -12.75 -10.17
C TYR A 82 24.09 -12.37 -11.65
N ILE A 83 24.95 -13.07 -12.41
CA ILE A 83 24.86 -13.07 -13.86
C ILE A 83 24.80 -14.52 -14.34
N ASN A 84 23.67 -14.84 -15.00
CA ASN A 84 23.39 -16.11 -15.63
C ASN A 84 24.62 -16.60 -16.42
N PRO A 85 25.13 -17.83 -16.15
CA PRO A 85 26.38 -18.32 -16.76
C PRO A 85 26.39 -18.41 -18.28
N LYS A 86 25.19 -18.56 -18.86
CA LYS A 86 24.99 -18.59 -20.31
C LYS A 86 25.47 -17.28 -20.95
N TYR A 87 25.22 -16.13 -20.30
CA TYR A 87 25.53 -14.83 -20.89
C TYR A 87 26.75 -14.17 -20.28
N ALA A 88 27.52 -14.87 -19.43
CA ALA A 88 28.65 -14.27 -18.72
C ALA A 88 29.57 -13.51 -19.68
N LYS A 89 29.90 -14.14 -20.80
CA LYS A 89 30.82 -13.60 -21.80
C LYS A 89 30.31 -12.26 -22.35
N CYS A 90 28.98 -12.10 -22.45
CA CYS A 90 28.35 -10.90 -23.01
C CYS A 90 28.69 -9.66 -22.18
N TYR A 91 28.88 -9.84 -20.86
CA TYR A 91 29.13 -8.75 -19.92
C TYR A 91 30.62 -8.38 -19.83
N THR A 92 31.48 -8.99 -20.66
CA THR A 92 32.90 -8.59 -20.76
C THR A 92 33.10 -7.50 -21.81
N TYR A 93 32.10 -7.20 -22.65
CA TYR A 93 32.24 -6.14 -23.65
C TYR A 93 31.79 -4.83 -23.00
N THR A 94 32.24 -3.73 -23.60
CA THR A 94 31.79 -2.40 -23.23
C THR A 94 31.26 -1.70 -24.48
N ALA A 95 30.77 -0.48 -24.33
CA ALA A 95 30.40 0.35 -25.47
C ALA A 95 31.49 0.46 -26.54
N ASN A 96 32.77 0.35 -26.14
CA ASN A 96 33.87 0.47 -27.08
C ASN A 96 34.12 -0.86 -27.83
N THR A 97 33.68 -2.02 -27.31
CA THR A 97 33.99 -3.29 -27.99
C THR A 97 32.75 -4.12 -28.35
N ILE A 98 31.54 -3.53 -28.31
CA ILE A 98 30.32 -4.31 -28.53
C ILE A 98 30.22 -4.83 -29.98
N LEU A 99 30.77 -4.11 -30.97
CA LEU A 99 30.79 -4.62 -32.35
C LEU A 99 31.66 -5.86 -32.56
N ASP A 100 32.52 -6.22 -31.58
CA ASP A 100 33.30 -7.44 -31.65
C ASP A 100 32.51 -8.61 -31.09
N ALA A 101 31.36 -8.36 -30.44
CA ALA A 101 30.59 -9.42 -29.80
C ALA A 101 29.73 -10.15 -30.85
N ASN A 102 29.40 -11.42 -30.57
CA ASN A 102 28.54 -12.21 -31.46
C ASN A 102 27.13 -11.63 -31.35
N LEU A 103 26.22 -12.05 -32.25
CA LEU A 103 24.90 -11.44 -32.38
C LEU A 103 24.05 -11.63 -31.13
N THR A 104 24.17 -12.79 -30.45
CA THR A 104 23.43 -13.06 -29.23
C THR A 104 23.83 -12.08 -28.12
N CYS A 105 25.15 -11.88 -27.95
CA CYS A 105 25.69 -10.94 -26.95
C CYS A 105 25.26 -9.50 -27.28
N GLN A 106 25.33 -9.09 -28.55
CA GLN A 106 24.86 -7.77 -28.93
C GLN A 106 23.41 -7.59 -28.50
N SER A 107 22.55 -8.60 -28.71
CA SER A 107 21.14 -8.33 -28.43
C SER A 107 20.85 -8.37 -26.93
N VAL A 108 21.54 -9.20 -26.15
CA VAL A 108 21.42 -9.19 -24.69
C VAL A 108 21.76 -7.80 -24.12
N ARG A 109 22.91 -7.22 -24.46
CA ARG A 109 23.37 -5.95 -23.91
C ARG A 109 22.42 -4.80 -24.25
N LEU A 110 21.69 -4.91 -25.38
CA LEU A 110 20.80 -3.86 -25.87
C LEU A 110 19.43 -3.90 -25.18
N ASN A 111 19.23 -4.88 -24.31
CA ASN A 111 18.15 -4.83 -23.33
C ASN A 111 18.26 -3.63 -22.37
N SER A 112 19.46 -3.02 -22.22
CA SER A 112 19.63 -1.87 -21.35
C SER A 112 19.64 -0.55 -22.13
N LEU A 113 18.72 0.36 -21.78
CA LEU A 113 18.67 1.66 -22.46
C LEU A 113 19.84 2.56 -22.06
N VAL A 114 20.31 2.45 -20.80
CA VAL A 114 21.53 3.10 -20.38
C VAL A 114 22.68 2.65 -21.30
N PHE A 115 22.76 1.34 -21.57
CA PHE A 115 23.79 0.81 -22.46
C PHE A 115 23.68 1.46 -23.83
N ILE A 116 22.45 1.48 -24.40
CA ILE A 116 22.19 2.13 -25.70
C ILE A 116 22.57 3.62 -25.67
N ALA A 117 22.17 4.35 -24.60
CA ALA A 117 22.53 5.76 -24.49
C ALA A 117 24.05 5.95 -24.46
N SER A 118 24.80 4.98 -23.91
CA SER A 118 26.26 5.08 -23.81
C SER A 118 26.97 4.90 -25.16
N LEU A 119 26.30 4.32 -26.17
CA LEU A 119 26.98 3.98 -27.41
C LEU A 119 27.23 5.26 -28.18
N ASN A 120 28.20 5.22 -29.09
CA ASN A 120 28.32 6.34 -29.99
C ASN A 120 27.35 6.11 -31.16
N SER A 121 27.05 7.21 -31.83
CA SER A 121 25.93 7.28 -32.75
C SER A 121 26.16 6.42 -34.01
N LYS A 122 27.42 6.31 -34.48
CA LYS A 122 27.73 5.50 -35.67
C LYS A 122 27.47 4.04 -35.37
N ASP A 123 27.77 3.59 -34.13
CA ASP A 123 27.52 2.21 -33.76
C ASP A 123 26.02 1.94 -33.58
N ARG A 124 25.24 2.95 -33.15
CA ARG A 124 23.80 2.80 -33.03
C ARG A 124 23.18 2.62 -34.42
N THR A 125 23.65 3.40 -35.40
CA THR A 125 23.26 3.26 -36.80
C THR A 125 23.60 1.88 -37.37
N THR A 126 24.82 1.38 -37.12
CA THR A 126 25.26 0.07 -37.55
C THR A 126 24.40 -1.04 -36.95
N LEU A 127 24.25 -1.02 -35.63
CA LEU A 127 23.45 -2.04 -34.97
C LEU A 127 21.96 -1.97 -35.35
N ALA A 128 21.44 -0.79 -35.69
CA ALA A 128 20.03 -0.65 -36.07
C ALA A 128 19.72 -1.42 -37.39
N GLN A 129 20.63 -1.32 -38.37
CA GLN A 129 20.59 -2.10 -39.60
C GLN A 129 20.70 -3.59 -39.32
N THR A 130 21.69 -3.98 -38.50
CA THR A 130 21.86 -5.37 -38.12
C THR A 130 20.51 -5.93 -37.65
N PHE A 131 19.78 -5.21 -36.80
CA PHE A 131 18.63 -5.80 -36.12
C PHE A 131 17.28 -5.44 -36.77
N LYS A 132 17.24 -4.67 -37.85
CA LYS A 132 15.97 -4.20 -38.41
C LYS A 132 14.97 -5.32 -38.74
N ASN A 133 15.41 -6.45 -39.33
CA ASN A 133 14.50 -7.52 -39.71
C ASN A 133 14.04 -8.32 -38.52
N GLN A 134 14.96 -8.76 -37.67
CA GLN A 134 14.72 -9.73 -36.60
C GLN A 134 14.22 -9.05 -35.31
N ARG A 135 14.73 -7.83 -35.00
CA ARG A 135 14.41 -7.15 -33.74
C ARG A 135 14.18 -5.67 -34.01
N PRO A 136 13.04 -5.31 -34.66
CA PRO A 136 12.79 -3.91 -35.03
C PRO A 136 12.53 -3.04 -33.80
N ASP A 137 12.16 -3.68 -32.67
CA ASP A 137 12.11 -3.00 -31.38
C ASP A 137 13.48 -2.39 -31.00
N LEU A 138 14.57 -3.15 -31.22
CA LEU A 138 15.91 -2.70 -30.89
C LEU A 138 16.30 -1.58 -31.85
N THR A 139 16.00 -1.79 -33.15
CA THR A 139 16.23 -0.79 -34.18
C THR A 139 15.61 0.58 -33.82
N ASN A 140 14.34 0.54 -33.38
CA ASN A 140 13.61 1.76 -33.04
C ASN A 140 14.29 2.53 -31.91
N LEU A 141 14.75 1.79 -30.88
CA LEU A 141 15.38 2.41 -29.71
C LEU A 141 16.77 2.93 -30.09
N LEU A 142 17.50 2.17 -30.92
CA LEU A 142 18.82 2.61 -31.38
C LEU A 142 18.72 3.93 -32.13
N LEU A 143 17.81 4.01 -33.10
CA LEU A 143 17.71 5.23 -33.89
C LEU A 143 17.10 6.37 -33.09
N ALA A 144 16.25 6.06 -32.09
CA ALA A 144 15.62 7.09 -31.26
C ALA A 144 16.69 7.85 -30.46
N PHE A 145 17.68 7.10 -29.96
CA PHE A 145 18.75 7.68 -29.16
C PHE A 145 19.75 8.45 -30.03
N ASN A 146 19.70 8.25 -31.36
CA ASN A 146 20.45 9.11 -32.27
C ASN A 146 19.79 10.48 -32.41
N THR A 147 18.62 10.75 -31.79
CA THR A 147 17.97 12.03 -31.93
C THR A 147 18.06 12.77 -30.61
N SER A 148 17.73 14.05 -30.63
CA SER A 148 17.72 14.78 -29.38
C SER A 148 16.45 14.52 -28.57
N ASP A 149 15.44 13.77 -29.08
CA ASP A 149 14.28 13.42 -28.24
C ASP A 149 13.79 12.00 -28.59
N PRO A 150 14.38 10.99 -27.91
CA PRO A 150 14.04 9.60 -28.19
C PRO A 150 12.54 9.30 -28.03
N MET A 151 11.86 9.99 -27.10
CA MET A 151 10.45 9.75 -26.82
C MET A 151 9.59 10.15 -28.03
N SER A 152 9.96 11.24 -28.68
CA SER A 152 9.24 11.72 -29.82
C SER A 152 9.37 10.76 -30.99
N TYR A 153 10.57 10.18 -31.17
CA TYR A 153 10.81 9.21 -32.22
C TYR A 153 9.94 7.96 -32.00
N ILE A 154 9.96 7.43 -30.78
CA ILE A 154 9.22 6.22 -30.42
C ILE A 154 7.72 6.45 -30.54
N VAL A 155 7.23 7.63 -30.18
CA VAL A 155 5.81 7.94 -30.25
C VAL A 155 5.36 8.00 -31.72
N GLN A 156 6.20 8.58 -32.60
CA GLN A 156 5.92 8.61 -34.03
C GLN A 156 5.84 7.18 -34.56
N LYS A 157 6.71 6.26 -34.14
CA LYS A 157 6.56 4.86 -34.53
C LYS A 157 5.36 4.14 -33.90
N GLU A 158 4.68 4.73 -32.91
CA GLU A 158 3.68 4.04 -32.10
C GLU A 158 4.21 2.68 -31.63
N ASP A 159 5.49 2.65 -31.23
CA ASP A 159 6.09 1.47 -30.61
C ASP A 159 5.74 1.50 -29.12
N ILE A 160 4.75 0.70 -28.72
CA ILE A 160 4.24 0.72 -27.35
C ILE A 160 5.24 0.09 -26.35
N ASN A 161 5.91 -1.01 -26.69
CA ASN A 161 6.89 -1.58 -25.79
C ASN A 161 8.04 -0.59 -25.53
N GLY A 162 8.48 0.09 -26.59
CA GLY A 162 9.52 1.11 -26.57
C GLY A 162 9.13 2.28 -25.68
N PHE A 163 7.85 2.68 -25.75
CA PHE A 163 7.33 3.76 -24.97
C PHE A 163 7.52 3.49 -23.47
N PHE A 164 7.08 2.32 -22.99
CA PHE A 164 7.18 1.99 -21.57
C PHE A 164 8.65 1.80 -21.15
N LYS A 165 9.54 1.25 -22.01
CA LYS A 165 10.98 1.14 -21.72
C LYS A 165 11.56 2.54 -21.57
N LEU A 166 11.19 3.48 -22.42
CA LEU A 166 11.68 4.85 -22.30
C LEU A 166 11.18 5.52 -21.04
N TYR A 167 9.87 5.36 -20.72
CA TYR A 167 9.32 5.91 -19.48
C TYR A 167 10.04 5.36 -18.22
N ASN A 168 10.32 4.06 -18.18
CA ASN A 168 10.99 3.46 -17.06
C ASN A 168 12.45 3.94 -16.95
N TYR A 169 13.12 4.16 -18.09
CA TYR A 169 14.45 4.77 -18.14
C TYR A 169 14.44 6.22 -17.63
N SER A 170 13.48 7.03 -18.04
CA SER A 170 13.39 8.40 -17.55
C SER A 170 11.94 8.91 -17.59
N LYS A 171 11.48 9.34 -16.42
CA LYS A 171 10.20 10.00 -16.21
C LYS A 171 10.15 11.42 -16.75
N LYS A 172 11.28 12.00 -17.21
CA LYS A 172 11.29 13.39 -17.58
C LYS A 172 10.67 13.57 -18.96
N TYR A 173 10.78 12.58 -19.85
CA TYR A 173 10.15 12.70 -21.16
C TYR A 173 8.67 13.01 -20.96
N ASP A 174 8.18 13.99 -21.72
CA ASP A 174 6.76 14.33 -21.77
C ASP A 174 6.40 14.87 -23.16
N LEU A 175 5.23 14.46 -23.68
CA LEU A 175 4.87 14.78 -25.06
C LEU A 175 3.36 14.55 -25.22
N ASP A 176 2.71 15.31 -26.12
CA ASP A 176 1.32 15.01 -26.43
C ASP A 176 1.22 13.70 -27.19
N LEU A 177 0.17 12.91 -26.88
CA LEU A 177 -0.08 11.62 -27.51
C LEU A 177 -1.45 11.69 -28.18
N ASN A 178 -1.57 11.19 -29.41
CA ASN A 178 -2.83 11.33 -30.15
C ASN A 178 -3.78 10.22 -29.69
N THR A 179 -4.99 10.22 -30.26
CA THR A 179 -6.06 9.35 -29.81
C THR A 179 -5.72 7.88 -30.03
N SER A 180 -5.28 7.53 -31.25
CA SER A 180 -4.81 6.19 -31.60
C SER A 180 -3.72 5.67 -30.64
N LEU A 181 -2.68 6.47 -30.37
CA LEU A 181 -1.61 6.03 -29.48
C LEU A 181 -2.10 5.78 -28.05
N VAL A 182 -2.81 6.73 -27.41
CA VAL A 182 -3.23 6.56 -26.02
C VAL A 182 -4.14 5.35 -25.86
N ASN A 183 -4.92 4.99 -26.87
CA ASN A 183 -5.86 3.87 -26.81
C ASN A 183 -5.11 2.55 -26.94
N LYS A 184 -3.83 2.60 -27.36
CA LYS A 184 -3.04 1.38 -27.38
C LYS A 184 -2.36 1.12 -26.03
N LEU A 185 -2.15 2.14 -25.22
CA LEU A 185 -1.33 1.98 -24.01
C LEU A 185 -1.95 0.99 -23.00
N PRO A 186 -3.30 0.97 -22.76
CA PRO A 186 -3.87 0.19 -21.67
C PRO A 186 -3.70 -1.32 -21.79
N ASN A 187 -3.30 -1.80 -22.97
CA ASN A 187 -3.07 -3.22 -23.22
C ASN A 187 -1.71 -3.68 -22.69
N HIS A 188 -0.81 -2.77 -22.27
CA HIS A 188 0.51 -3.13 -21.78
C HIS A 188 0.48 -3.18 -20.25
N ILE A 189 1.20 -4.16 -19.65
CA ILE A 189 1.23 -4.42 -18.21
C ILE A 189 1.62 -3.17 -17.40
N GLY A 190 2.51 -2.34 -17.98
CA GLY A 190 3.07 -1.14 -17.37
C GLY A 190 2.08 0.02 -17.28
N PHE A 191 0.92 -0.08 -17.96
CA PHE A 191 0.01 1.04 -18.07
C PHE A 191 -0.54 1.48 -16.71
N LYS A 192 -0.90 0.51 -15.85
CA LYS A 192 -1.62 0.79 -14.62
C LYS A 192 -0.80 1.70 -13.68
N ASP A 193 0.46 1.33 -13.45
CA ASP A 193 1.40 2.11 -12.63
C ASP A 193 1.78 3.46 -13.28
N PHE A 194 2.00 3.47 -14.60
CA PHE A 194 2.18 4.69 -15.36
C PHE A 194 1.03 5.69 -15.10
N ALA A 195 -0.23 5.26 -15.28
CA ALA A 195 -1.35 6.17 -15.15
C ALA A 195 -1.51 6.63 -13.70
N GLN A 196 -1.44 5.69 -12.73
CA GLN A 196 -1.54 6.08 -11.33
C GLN A 196 -0.49 7.15 -10.98
N ASN A 197 0.78 6.86 -11.26
CA ASN A 197 1.89 7.73 -10.86
C ASN A 197 1.80 9.13 -11.44
N ILE A 198 1.55 9.26 -12.74
CA ILE A 198 1.51 10.59 -13.32
C ILE A 198 0.27 11.37 -12.85
N ILE A 199 -0.87 10.71 -12.58
CA ILE A 199 -2.07 11.41 -12.10
C ILE A 199 -1.88 11.86 -10.64
N ILE A 200 -1.49 10.96 -9.71
CA ILE A 200 -1.43 11.38 -8.30
C ILE A 200 -0.18 12.25 -8.03
N LYS A 201 0.94 12.08 -8.76
CA LYS A 201 2.15 12.88 -8.56
C LYS A 201 2.04 14.21 -9.30
N LYS A 202 1.06 14.33 -10.21
CA LYS A 202 0.81 15.55 -10.97
C LYS A 202 2.06 15.87 -11.79
N GLU A 203 2.55 14.85 -12.46
CA GLU A 203 3.68 15.00 -13.35
C GLU A 203 3.21 14.75 -14.78
N ASN A 204 4.14 14.92 -15.70
CA ASN A 204 3.96 14.60 -17.11
C ASN A 204 2.64 15.19 -17.61
N PRO A 205 2.46 16.53 -17.60
CA PRO A 205 1.19 17.15 -17.95
C PRO A 205 0.69 16.88 -19.36
N LYS A 206 1.57 16.67 -20.34
CA LYS A 206 1.12 16.39 -21.70
C LYS A 206 0.58 14.96 -21.78
N PHE A 207 1.28 14.02 -21.12
CA PHE A 207 0.77 12.64 -21.04
C PHE A 207 -0.61 12.66 -20.36
N ARG A 208 -0.69 13.41 -19.27
CA ARG A 208 -1.88 13.49 -18.42
C ARG A 208 -3.08 13.98 -19.23
N HIS A 209 -2.89 15.09 -19.94
CA HIS A 209 -3.95 15.68 -20.76
C HIS A 209 -4.36 14.76 -21.91
N SER A 210 -3.38 14.08 -22.49
CA SER A 210 -3.62 13.15 -23.58
C SER A 210 -4.57 12.01 -23.16
N MET A 211 -4.50 11.61 -21.89
CA MET A 211 -5.26 10.44 -21.40
C MET A 211 -6.75 10.77 -21.22
N LEU A 212 -7.16 12.01 -21.47
CA LEU A 212 -8.57 12.37 -21.58
C LEU A 212 -9.25 11.67 -22.77
N GLU A 213 -8.48 11.24 -23.77
CA GLU A 213 -9.04 10.67 -24.99
C GLU A 213 -9.02 9.13 -24.98
N ILE A 214 -8.68 8.51 -23.85
CA ILE A 214 -8.80 7.07 -23.73
C ILE A 214 -10.30 6.73 -23.69
N ASN A 215 -10.73 5.81 -24.58
CA ASN A 215 -12.08 5.28 -24.61
C ASN A 215 -12.30 4.42 -23.35
N PRO A 216 -13.33 4.71 -22.53
CA PRO A 216 -13.61 3.87 -21.35
C PRO A 216 -13.75 2.39 -21.70
N GLU A 217 -14.19 2.07 -22.94
CA GLU A 217 -14.27 0.68 -23.41
C GLU A 217 -12.91 -0.01 -23.31
N ASN A 218 -11.79 0.75 -23.26
CA ASN A 218 -10.46 0.13 -23.36
C ASN A 218 -9.78 -0.08 -22.00
N VAL A 219 -10.39 0.39 -20.90
CA VAL A 219 -9.80 0.33 -19.57
C VAL A 219 -10.80 -0.28 -18.57
N SER A 220 -10.33 -0.69 -17.39
CA SER A 220 -11.16 -1.28 -16.37
C SER A 220 -10.50 -1.11 -15.00
N GLU A 221 -11.29 -1.34 -13.96
CA GLU A 221 -10.84 -1.44 -12.58
C GLU A 221 -10.09 -0.18 -12.18
N ASP A 222 -8.91 -0.29 -11.55
CA ASP A 222 -8.17 0.84 -11.03
C ASP A 222 -7.82 1.89 -12.09
N SER A 223 -7.45 1.43 -13.28
CA SER A 223 -7.06 2.29 -14.38
C SER A 223 -8.24 3.18 -14.81
N ALA A 224 -9.43 2.59 -15.00
CA ALA A 224 -10.62 3.35 -15.29
C ALA A 224 -10.86 4.40 -14.18
N PHE A 225 -10.72 3.98 -12.92
CA PHE A 225 -10.97 4.85 -11.79
C PHE A 225 -10.04 6.06 -11.82
N TYR A 226 -8.72 5.82 -11.98
CA TYR A 226 -7.77 6.92 -12.00
C TYR A 226 -8.01 7.83 -13.21
N LEU A 227 -8.42 7.28 -14.34
CA LEU A 227 -8.72 8.12 -15.48
C LEU A 227 -9.96 8.99 -15.22
N GLY A 228 -10.87 8.53 -14.37
CA GLY A 228 -11.96 9.39 -13.89
C GLY A 228 -11.48 10.56 -13.03
N VAL A 229 -10.58 10.29 -12.08
CA VAL A 229 -9.96 11.33 -11.25
C VAL A 229 -9.22 12.34 -12.15
N ASN A 230 -8.47 11.82 -13.12
CA ASN A 230 -7.79 12.64 -14.14
C ASN A 230 -8.78 13.57 -14.84
N ALA A 231 -9.91 13.03 -15.32
CA ALA A 231 -10.89 13.86 -16.02
C ALA A 231 -11.44 14.98 -15.12
N LEU A 232 -11.73 14.68 -13.84
CA LEU A 232 -12.18 15.72 -12.90
C LEU A 232 -11.16 16.86 -12.77
N THR A 233 -9.84 16.56 -12.73
CA THR A 233 -8.85 17.63 -12.56
C THR A 233 -8.85 18.59 -13.75
N TYR A 234 -9.32 18.18 -14.94
CA TYR A 234 -9.49 19.03 -16.10
C TYR A 234 -10.94 19.50 -16.25
N ASP A 235 -11.78 19.31 -15.21
CA ASP A 235 -13.20 19.61 -15.23
C ASP A 235 -13.94 19.06 -16.46
N LYS A 236 -13.63 17.82 -16.84
CA LYS A 236 -14.34 17.10 -17.87
C LYS A 236 -15.27 16.09 -17.17
N THR A 237 -16.41 16.58 -16.68
CA THR A 237 -17.27 15.84 -15.75
C THR A 237 -18.00 14.70 -16.47
N GLU A 238 -18.43 14.87 -17.73
CA GLU A 238 -19.03 13.78 -18.49
C GLU A 238 -18.04 12.64 -18.78
N LEU A 239 -16.80 12.93 -19.25
CA LEU A 239 -15.78 11.89 -19.37
C LEU A 239 -15.54 11.20 -18.03
N ALA A 240 -15.46 11.98 -16.94
CA ALA A 240 -15.18 11.43 -15.62
C ALA A 240 -16.25 10.40 -15.27
N TYR A 241 -17.54 10.79 -15.38
CA TYR A 241 -18.64 9.86 -15.14
C TYR A 241 -18.47 8.56 -15.96
N ASP A 242 -18.13 8.65 -17.26
CA ASP A 242 -18.01 7.46 -18.08
C ASP A 242 -16.92 6.54 -17.54
N PHE A 243 -15.78 7.12 -17.09
CA PHE A 243 -14.70 6.33 -16.54
C PHE A 243 -15.11 5.67 -15.23
N PHE A 244 -15.80 6.40 -14.37
CA PHE A 244 -16.13 5.90 -13.04
C PHE A 244 -17.19 4.80 -13.15
N LYS A 245 -18.10 4.93 -14.11
CA LYS A 245 -19.11 3.92 -14.39
C LYS A 245 -18.46 2.64 -14.87
N LYS A 246 -17.43 2.74 -15.73
CA LYS A 246 -16.72 1.53 -16.17
C LYS A 246 -15.97 0.88 -15.02
N ALA A 247 -15.44 1.71 -14.12
CA ALA A 247 -14.81 1.19 -12.92
C ALA A 247 -15.82 0.45 -12.05
N ALA A 248 -17.02 1.02 -11.84
CA ALA A 248 -18.03 0.42 -10.99
C ALA A 248 -18.42 -0.96 -11.55
N GLN A 249 -18.54 -1.05 -12.88
CA GLN A 249 -18.93 -2.29 -13.52
C GLN A 249 -17.85 -3.36 -13.47
N SER A 250 -16.56 -2.97 -13.44
CA SER A 250 -15.48 -3.94 -13.62
C SER A 250 -14.74 -4.24 -12.31
N PHE A 251 -14.79 -3.37 -11.30
CA PHE A 251 -14.00 -3.62 -10.10
C PHE A 251 -14.45 -4.95 -9.49
N LYS A 252 -13.53 -5.67 -8.85
CA LYS A 252 -13.88 -6.95 -8.23
C LYS A 252 -14.38 -6.77 -6.79
N SER A 253 -13.77 -5.86 -6.00
CA SER A 253 -14.19 -5.68 -4.62
C SER A 253 -15.34 -4.68 -4.53
N GLN A 254 -16.30 -4.99 -3.65
CA GLN A 254 -17.49 -4.17 -3.42
C GLN A 254 -17.09 -2.78 -2.87
N SER A 255 -16.05 -2.74 -2.04
CA SER A 255 -15.55 -1.49 -1.49
C SER A 255 -15.10 -0.52 -2.59
N ASN A 256 -14.35 -1.02 -3.57
CA ASN A 256 -13.90 -0.21 -4.70
C ASN A 256 -15.07 0.17 -5.60
N LYS A 257 -15.99 -0.77 -5.92
CA LYS A 257 -17.21 -0.42 -6.65
C LYS A 257 -17.95 0.75 -6.01
N ASP A 258 -18.08 0.70 -4.69
CA ASP A 258 -18.81 1.74 -3.93
C ASP A 258 -18.15 3.11 -4.09
N ASN A 259 -16.81 3.12 -4.08
CA ASN A 259 -16.06 4.36 -4.25
C ASN A 259 -16.37 4.97 -5.63
N ALA A 260 -16.42 4.11 -6.65
CA ALA A 260 -16.75 4.48 -8.03
C ALA A 260 -18.19 4.96 -8.20
N ILE A 261 -19.14 4.21 -7.60
CA ILE A 261 -20.57 4.59 -7.61
C ILE A 261 -20.80 5.92 -6.89
N PHE A 262 -20.09 6.16 -5.77
CA PHE A 262 -20.14 7.47 -5.14
C PHE A 262 -19.78 8.63 -6.09
N TRP A 263 -18.71 8.44 -6.90
CA TRP A 263 -18.33 9.49 -7.85
C TRP A 263 -19.39 9.67 -8.93
N MET A 264 -19.94 8.57 -9.49
CA MET A 264 -21.07 8.62 -10.42
C MET A 264 -22.20 9.49 -9.84
N TRP A 265 -22.50 9.31 -8.55
CA TRP A 265 -23.56 10.06 -7.89
C TRP A 265 -23.21 11.56 -7.74
N LEU A 266 -22.01 11.85 -7.22
CA LEU A 266 -21.58 13.21 -6.96
C LEU A 266 -21.55 14.07 -8.23
N ILE A 267 -21.24 13.42 -9.36
CA ILE A 267 -21.11 14.11 -10.63
C ILE A 267 -22.47 14.26 -11.30
N LYS A 268 -23.24 13.18 -11.45
CA LYS A 268 -24.49 13.28 -12.22
C LYS A 268 -25.77 13.22 -11.39
N ASN A 269 -25.71 13.01 -10.06
CA ASN A 269 -26.85 13.23 -9.19
C ASN A 269 -27.99 12.23 -9.44
N ASN A 270 -27.73 11.04 -9.99
CA ASN A 270 -28.78 10.06 -10.20
C ASN A 270 -29.08 9.36 -8.86
N GLU A 271 -30.34 9.46 -8.43
CA GLU A 271 -30.71 8.94 -7.12
C GLU A 271 -30.71 7.41 -7.09
N GLU A 272 -30.82 6.71 -8.21
CA GLU A 272 -30.61 5.27 -8.19
C GLU A 272 -29.16 4.85 -7.82
N ASP A 273 -28.16 5.67 -8.16
CA ASP A 273 -26.77 5.34 -7.84
C ASP A 273 -26.62 5.44 -6.32
N LEU A 274 -27.17 6.49 -5.71
CA LEU A 274 -27.04 6.64 -4.27
C LEU A 274 -27.83 5.57 -3.50
N LYS A 275 -28.95 5.13 -4.06
CA LYS A 275 -29.74 4.08 -3.44
C LYS A 275 -28.93 2.78 -3.44
N THR A 276 -28.39 2.40 -4.61
CA THR A 276 -27.50 1.25 -4.71
C THR A 276 -26.32 1.29 -3.75
N LEU A 277 -25.68 2.44 -3.63
CA LEU A 277 -24.59 2.61 -2.65
C LEU A 277 -25.09 2.47 -1.21
N SER A 278 -26.30 2.97 -0.86
CA SER A 278 -26.74 2.92 0.54
C SER A 278 -27.06 1.47 0.97
N GLN A 279 -27.25 0.58 -0.01
CA GLN A 279 -27.65 -0.81 0.25
C GLN A 279 -26.47 -1.79 0.09
N SER A 280 -25.26 -1.28 -0.11
CA SER A 280 -24.06 -2.09 -0.17
C SER A 280 -23.87 -2.98 1.05
N SER A 281 -23.39 -4.20 0.78
CA SER A 281 -22.90 -5.11 1.82
C SER A 281 -21.51 -4.72 2.36
N SER A 282 -20.77 -3.80 1.71
CA SER A 282 -19.50 -3.33 2.26
C SER A 282 -19.75 -2.11 3.16
N LEU A 283 -19.18 -2.19 4.37
CA LEU A 283 -19.06 -1.05 5.26
C LEU A 283 -17.81 -0.22 4.97
N ASN A 284 -17.98 0.97 4.39
CA ASN A 284 -16.87 1.83 4.03
C ASN A 284 -17.41 3.26 4.17
N ILE A 285 -16.58 4.28 4.02
CA ILE A 285 -17.06 5.66 4.20
C ILE A 285 -18.15 6.06 3.19
N TYR A 286 -18.15 5.44 2.00
CA TYR A 286 -19.04 5.84 0.92
C TYR A 286 -20.43 5.26 1.19
N SER A 287 -20.50 3.97 1.57
CA SER A 287 -21.78 3.34 1.90
C SER A 287 -22.34 3.91 3.20
N LEU A 288 -21.48 4.25 4.17
CA LEU A 288 -21.91 4.90 5.40
C LEU A 288 -22.54 6.26 5.10
N TYR A 289 -21.87 7.04 4.24
CA TYR A 289 -22.33 8.37 3.88
C TYR A 289 -23.69 8.31 3.17
N ALA A 290 -23.84 7.33 2.26
CA ALA A 290 -25.08 7.17 1.49
C ALA A 290 -26.27 6.75 2.39
N LYS A 291 -26.00 5.91 3.39
CA LYS A 291 -26.99 5.52 4.37
C LYS A 291 -27.46 6.74 5.17
N GLU A 292 -26.53 7.58 5.59
CA GLU A 292 -26.87 8.81 6.30
C GLU A 292 -27.72 9.79 5.47
N LEU A 293 -27.42 9.95 4.17
CA LEU A 293 -28.13 10.89 3.31
C LEU A 293 -29.55 10.42 2.99
N THR A 294 -29.83 9.10 3.13
CA THR A 294 -31.11 8.52 2.76
C THR A 294 -31.90 8.07 3.99
N ASN A 295 -31.46 8.45 5.20
CA ASN A 295 -32.15 8.03 6.42
C ASN A 295 -32.23 6.50 6.54
N THR A 296 -31.26 5.76 5.97
CA THR A 296 -31.13 4.33 6.17
C THR A 296 -30.45 4.05 7.54
N PRO A 297 -30.92 3.00 8.27
CA PRO A 297 -30.30 2.62 9.54
C PRO A 297 -28.82 2.18 9.44
N PHE A 298 -28.10 2.42 10.53
CA PHE A 298 -26.69 2.09 10.65
C PHE A 298 -26.55 0.59 10.39
N PRO A 299 -25.49 0.11 9.69
CA PRO A 299 -25.34 -1.33 9.46
C PRO A 299 -25.19 -2.09 10.77
N LYS A 300 -25.62 -3.35 10.74
CA LYS A 300 -25.51 -4.28 11.84
C LYS A 300 -24.06 -4.68 12.11
N ILE A 301 -23.65 -4.53 13.38
CA ILE A 301 -22.32 -4.93 13.79
C ILE A 301 -22.41 -6.19 14.63
N GLU A 302 -21.64 -7.23 14.27
CA GLU A 302 -21.61 -8.47 15.04
C GLU A 302 -21.24 -8.23 16.51
N SER A 303 -21.76 -9.15 17.35
CA SER A 303 -21.46 -9.16 18.77
C SER A 303 -20.83 -10.49 19.16
N LEU A 304 -19.53 -10.42 19.49
CA LEU A 304 -18.71 -11.55 19.92
C LEU A 304 -18.47 -11.48 21.42
N ASN A 305 -19.04 -12.42 22.15
CA ASN A 305 -18.90 -12.45 23.59
C ASN A 305 -18.59 -13.89 24.01
N PRO A 306 -17.33 -14.38 23.93
CA PRO A 306 -17.02 -15.74 24.35
C PRO A 306 -17.07 -15.78 25.88
N SER A 307 -17.62 -16.90 26.41
CA SER A 307 -17.73 -17.08 27.85
C SER A 307 -16.42 -17.66 28.42
N LYS A 308 -15.76 -18.57 27.70
CA LYS A 308 -14.45 -19.08 28.11
C LYS A 308 -13.43 -17.95 28.32
N LYS A 309 -12.59 -18.11 29.36
CA LYS A 309 -11.59 -17.13 29.72
C LYS A 309 -10.36 -17.24 28.81
N LYS A 310 -9.81 -18.46 28.67
CA LYS A 310 -8.52 -18.63 28.00
C LYS A 310 -8.41 -20.05 27.42
N ASN A 311 -7.31 -20.29 26.68
CA ASN A 311 -6.89 -21.64 26.32
C ASN A 311 -5.38 -21.72 26.52
N ASN A 312 -4.73 -22.69 25.86
CA ASN A 312 -3.30 -22.92 26.05
C ASN A 312 -2.44 -21.92 25.28
N PHE A 313 -3.03 -21.18 24.33
CA PHE A 313 -2.25 -20.39 23.39
C PHE A 313 -1.61 -19.21 24.11
N ASN A 314 -0.32 -19.00 23.80
CA ASN A 314 0.42 -17.83 24.25
C ASN A 314 0.30 -16.70 23.23
N MET A 315 -0.49 -15.68 23.62
CA MET A 315 -0.74 -14.47 22.85
C MET A 315 0.46 -13.52 22.90
N GLN A 316 1.47 -13.85 23.73
CA GLN A 316 2.68 -13.03 23.80
C GLN A 316 3.86 -13.69 23.08
N ASP A 317 3.64 -14.85 22.43
CA ASP A 317 4.71 -15.51 21.68
C ASP A 317 4.62 -15.16 20.20
N PRO A 318 5.53 -14.34 19.65
CA PRO A 318 5.45 -13.95 18.24
C PRO A 318 5.60 -15.09 17.22
N PHE A 319 6.32 -16.15 17.62
CA PHE A 319 6.52 -17.34 16.78
C PHE A 319 5.23 -18.19 16.72
N ALA A 320 4.50 -18.27 17.82
CA ALA A 320 3.23 -18.98 17.83
C ALA A 320 2.23 -18.30 16.90
N TRP A 321 2.23 -16.95 16.84
CA TRP A 321 1.33 -16.24 15.95
C TRP A 321 1.67 -16.51 14.47
N GLN A 322 2.96 -16.46 14.08
CA GLN A 322 3.34 -16.67 12.68
C GLN A 322 2.87 -18.06 12.24
N LYS A 323 3.03 -19.06 13.10
CA LYS A 323 2.59 -20.42 12.86
C LYS A 323 1.07 -20.56 12.69
N ILE A 324 0.27 -20.06 13.64
CA ILE A 324 -1.17 -20.24 13.59
C ILE A 324 -1.77 -19.39 12.45
N ASN A 325 -1.13 -18.26 12.08
CA ASN A 325 -1.64 -17.40 11.04
C ASN A 325 -1.56 -18.14 9.70
N LYS A 326 -0.42 -18.81 9.48
CA LYS A 326 -0.21 -19.58 8.27
C LYS A 326 -1.22 -20.74 8.18
N GLN A 327 -1.53 -21.45 9.28
CA GLN A 327 -2.59 -22.46 9.27
C GLN A 327 -3.94 -21.85 8.94
N ILE A 328 -4.28 -20.74 9.57
CA ILE A 328 -5.59 -20.14 9.33
C ILE A 328 -5.76 -19.77 7.84
N ARG A 329 -4.75 -19.18 7.19
CA ARG A 329 -4.86 -18.72 5.81
C ARG A 329 -4.92 -19.89 4.80
N ASP A 330 -4.31 -21.03 5.12
CA ASP A 330 -4.35 -22.22 4.26
C ASP A 330 -5.51 -23.16 4.62
N ALA A 331 -6.30 -22.86 5.66
CA ALA A 331 -7.33 -23.80 6.11
C ALA A 331 -8.52 -23.81 5.14
N ASN A 332 -8.98 -25.03 4.83
CA ASN A 332 -10.17 -25.24 4.03
C ASN A 332 -11.37 -24.84 4.90
N ALA A 333 -12.57 -24.76 4.30
CA ALA A 333 -13.79 -24.33 4.97
C ALA A 333 -14.05 -25.16 6.23
N SER A 334 -13.64 -26.43 6.19
CA SER A 334 -13.79 -27.37 7.28
C SER A 334 -12.89 -27.05 8.48
N GLN A 335 -11.59 -26.80 8.23
CA GLN A 335 -10.59 -26.66 9.28
C GLN A 335 -10.77 -25.33 10.03
N LEU A 336 -11.25 -24.29 9.34
CA LEU A 336 -11.69 -23.04 9.96
C LEU A 336 -12.67 -23.28 11.11
N ASP A 337 -13.58 -24.28 11.03
CA ASP A 337 -14.57 -24.51 12.08
C ASP A 337 -13.93 -25.13 13.32
N VAL A 338 -12.92 -25.98 13.10
CA VAL A 338 -12.17 -26.55 14.21
C VAL A 338 -11.38 -25.45 14.95
N LEU A 339 -10.78 -24.52 14.18
CA LEU A 339 -9.95 -23.45 14.71
C LEU A 339 -10.84 -22.43 15.43
N ALA A 340 -11.95 -22.05 14.79
CA ALA A 340 -12.96 -21.17 15.38
C ALA A 340 -13.29 -21.58 16.81
N LYS A 341 -13.56 -22.86 17.01
CA LYS A 341 -13.95 -23.38 18.32
C LYS A 341 -12.77 -23.30 19.30
N GLU A 342 -11.59 -23.74 18.86
CA GLU A 342 -10.42 -23.71 19.72
C GLU A 342 -10.17 -22.30 20.26
N PHE A 343 -10.36 -21.26 19.42
CA PHE A 343 -9.94 -19.90 19.76
C PHE A 343 -11.11 -19.03 20.28
N ASP A 344 -12.28 -19.67 20.52
CA ASP A 344 -13.47 -18.99 21.01
C ASP A 344 -13.36 -18.82 22.52
N THR A 345 -12.44 -17.93 22.94
CA THR A 345 -12.18 -17.55 24.32
C THR A 345 -11.92 -16.06 24.36
N GLN A 346 -12.04 -15.49 25.56
CA GLN A 346 -11.82 -14.06 25.74
C GLN A 346 -10.35 -13.74 25.53
N GLU A 347 -9.42 -14.58 26.03
CA GLU A 347 -7.99 -14.28 25.92
C GLU A 347 -7.55 -14.32 24.45
N THR A 348 -8.20 -15.16 23.62
CA THR A 348 -7.85 -15.29 22.21
C THR A 348 -8.87 -14.61 21.31
N LEU A 349 -9.58 -13.58 21.79
CA LEU A 349 -10.67 -12.98 21.03
C LEU A 349 -10.18 -12.45 19.68
N PRO A 350 -9.01 -11.76 19.56
CA PRO A 350 -8.53 -11.27 18.27
C PRO A 350 -8.30 -12.38 17.24
N ILE A 351 -7.86 -13.56 17.69
CA ILE A 351 -7.69 -14.68 16.79
C ILE A 351 -9.05 -15.23 16.36
N TYR A 352 -10.00 -15.32 17.29
CA TYR A 352 -11.36 -15.76 17.00
C TYR A 352 -11.95 -14.89 15.89
N ALA A 353 -11.92 -13.55 16.06
CA ALA A 353 -12.52 -12.66 15.10
C ALA A 353 -11.84 -12.81 13.73
N TYR A 354 -10.52 -13.04 13.76
CA TYR A 354 -9.71 -13.20 12.56
C TYR A 354 -10.15 -14.43 11.78
N ILE A 355 -10.37 -15.54 12.49
CA ILE A 355 -10.90 -16.76 11.90
C ILE A 355 -12.29 -16.53 11.34
N LEU A 356 -13.22 -15.92 12.11
CA LEU A 356 -14.60 -15.74 11.66
C LEU A 356 -14.68 -14.85 10.41
N GLU A 357 -13.80 -13.84 10.32
CA GLU A 357 -13.75 -12.98 9.15
C GLU A 357 -13.48 -13.79 7.87
N ARG A 358 -12.53 -14.74 7.89
CA ARG A 358 -12.36 -15.72 6.82
C ARG A 358 -13.56 -16.68 6.67
N LYS A 359 -14.01 -17.28 7.76
CA LYS A 359 -15.02 -18.33 7.74
C LYS A 359 -16.33 -17.85 7.11
N ASN A 360 -16.68 -16.56 7.27
CA ASN A 360 -17.91 -15.96 6.73
C ASN A 360 -17.64 -15.19 5.44
N ASN A 361 -16.49 -15.50 4.79
CA ASN A 361 -16.07 -14.94 3.51
C ASN A 361 -16.23 -13.42 3.45
N PHE A 362 -15.89 -12.76 4.57
CA PHE A 362 -15.72 -11.30 4.63
C PHE A 362 -17.05 -10.57 4.41
N LYS A 363 -18.17 -11.17 4.86
CA LYS A 363 -19.52 -10.66 4.64
C LYS A 363 -20.05 -9.96 5.91
N LYS A 364 -19.59 -10.37 7.12
CA LYS A 364 -20.09 -9.83 8.37
C LYS A 364 -19.12 -8.78 8.92
N HIS A 365 -19.63 -7.86 9.76
CA HIS A 365 -18.85 -6.75 10.29
C HIS A 365 -18.40 -6.98 11.74
N TYR A 366 -17.09 -7.15 11.95
CA TYR A 366 -16.52 -7.37 13.26
C TYR A 366 -15.64 -6.21 13.70
N PHE A 367 -16.03 -5.68 14.86
CA PHE A 367 -15.43 -4.48 15.43
C PHE A 367 -15.24 -4.75 16.92
N ILE A 368 -14.26 -5.62 17.24
CA ILE A 368 -14.01 -6.03 18.62
C ILE A 368 -13.32 -4.90 19.40
N MET A 369 -13.33 -5.07 20.72
CA MET A 369 -12.77 -4.09 21.63
C MET A 369 -11.93 -4.82 22.68
N PRO A 370 -10.83 -5.52 22.35
CA PRO A 370 -10.14 -6.34 23.34
C PRO A 370 -9.25 -5.51 24.27
N TYR A 371 -8.91 -6.10 25.45
CA TYR A 371 -8.09 -5.42 26.44
C TYR A 371 -8.67 -4.05 26.81
N TYR A 372 -10.01 -3.96 26.91
CA TYR A 372 -10.71 -2.67 26.99
C TYR A 372 -10.45 -1.91 28.30
N ASP A 373 -10.10 -2.64 29.37
CA ASP A 373 -9.77 -2.01 30.64
C ASP A 373 -8.67 -0.97 30.48
N ASN A 374 -7.77 -1.16 29.51
CA ASN A 374 -6.66 -0.23 29.34
C ASN A 374 -7.12 1.09 28.74
N ILE A 375 -8.34 1.15 28.16
CA ILE A 375 -8.76 2.41 27.57
C ILE A 375 -10.06 2.94 28.15
N LYS A 376 -10.72 2.25 29.09
CA LYS A 376 -12.07 2.66 29.46
C LYS A 376 -12.11 4.02 30.18
N ASP A 377 -10.95 4.60 30.53
CA ASP A 377 -10.88 5.86 31.27
C ASP A 377 -10.57 7.03 30.34
N TYR A 378 -10.26 6.77 29.06
CA TYR A 378 -10.19 7.86 28.10
C TYR A 378 -11.61 8.26 27.72
N ASN A 379 -11.77 9.47 27.15
CA ASN A 379 -13.06 9.86 26.61
C ASN A 379 -13.35 8.97 25.38
N LYS A 380 -14.63 8.88 25.02
CA LYS A 380 -15.10 7.87 24.08
C LYS A 380 -14.65 8.16 22.66
N THR A 381 -14.46 9.45 22.30
CA THR A 381 -13.96 9.86 21.00
C THR A 381 -12.51 9.35 20.84
N ARG A 382 -11.72 9.40 21.94
CA ARG A 382 -10.33 8.97 21.94
C ARG A 382 -10.26 7.44 21.88
N GLN A 383 -11.16 6.77 22.63
CA GLN A 383 -11.28 5.34 22.58
C GLN A 383 -11.51 4.89 21.14
N ALA A 384 -12.41 5.59 20.43
CA ALA A 384 -12.86 5.18 19.11
C ALA A 384 -11.71 5.30 18.11
N LEU A 385 -10.92 6.35 18.26
CA LEU A 385 -9.77 6.58 17.39
C LEU A 385 -8.65 5.56 17.62
N ILE A 386 -8.39 5.21 18.90
CA ILE A 386 -7.43 4.19 19.26
C ILE A 386 -7.85 2.86 18.62
N LEU A 387 -9.11 2.50 18.83
CA LEU A 387 -9.63 1.24 18.35
C LEU A 387 -9.67 1.19 16.81
N ALA A 388 -9.97 2.33 16.17
CA ALA A 388 -10.02 2.43 14.71
C ALA A 388 -8.64 2.13 14.11
N ILE A 389 -7.58 2.68 14.74
CA ILE A 389 -6.19 2.57 14.33
C ILE A 389 -5.75 1.12 14.54
N ALA A 390 -6.07 0.52 15.71
CA ALA A 390 -5.63 -0.83 16.05
C ALA A 390 -6.26 -1.88 15.14
N ARG A 391 -7.57 -1.72 14.86
CA ARG A 391 -8.26 -2.61 13.95
C ARG A 391 -7.56 -2.65 12.58
N GLN A 392 -7.27 -1.49 12.00
CA GLN A 392 -6.61 -1.38 10.72
C GLN A 392 -5.15 -1.86 10.82
N GLU A 393 -4.41 -1.50 11.89
CA GLU A 393 -2.97 -1.76 11.95
C GLU A 393 -2.71 -3.27 12.08
N SER A 394 -3.44 -3.97 12.97
CA SER A 394 -3.07 -5.31 13.41
C SER A 394 -4.24 -6.29 13.50
N ARG A 395 -5.49 -5.81 13.41
CA ARG A 395 -6.66 -6.59 13.79
C ARG A 395 -6.56 -7.05 15.25
N PHE A 396 -5.85 -6.26 16.08
CA PHE A 396 -5.69 -6.48 17.51
C PHE A 396 -4.82 -7.72 17.84
N ILE A 397 -3.97 -8.18 16.89
CA ILE A 397 -3.03 -9.27 17.17
C ILE A 397 -1.87 -8.67 17.97
N PRO A 398 -1.66 -9.05 19.26
CA PRO A 398 -0.63 -8.38 20.06
C PRO A 398 0.81 -8.48 19.56
N THR A 399 1.16 -9.61 18.91
CA THR A 399 2.52 -9.84 18.40
C THR A 399 2.66 -9.58 16.89
N ALA A 400 1.84 -8.69 16.33
CA ALA A 400 1.94 -8.41 14.89
C ALA A 400 3.28 -7.77 14.58
N ILE A 401 3.83 -8.15 13.41
CA ILE A 401 5.10 -7.64 12.90
C ILE A 401 4.94 -7.35 11.41
N SER A 402 5.13 -6.09 11.00
CA SER A 402 5.06 -5.77 9.58
C SER A 402 6.37 -6.13 8.89
N VAL A 403 6.36 -6.04 7.55
CA VAL A 403 7.54 -6.29 6.73
C VAL A 403 8.63 -5.27 7.07
N SER A 404 8.31 -4.13 7.69
CA SER A 404 9.38 -3.23 8.09
C SER A 404 9.58 -3.25 9.60
N TYR A 405 9.09 -4.32 10.24
CA TYR A 405 9.22 -4.65 11.66
C TYR A 405 8.58 -3.59 12.55
N ALA A 406 7.44 -3.03 12.10
CA ALA A 406 6.51 -2.33 13.01
C ALA A 406 5.90 -3.36 13.94
N LEU A 407 5.72 -3.01 15.24
CA LEU A 407 5.46 -3.98 16.31
C LEU A 407 4.12 -3.73 17.05
N GLY A 408 3.43 -4.84 17.33
CA GLY A 408 2.31 -4.94 18.25
C GLY A 408 0.98 -4.47 17.64
N MET A 409 -0.06 -4.38 18.50
CA MET A 409 -1.41 -3.98 18.12
C MET A 409 -1.44 -2.61 17.43
N MET A 410 -0.57 -1.68 17.84
CA MET A 410 -0.59 -0.33 17.29
C MET A 410 0.55 -0.10 16.31
N GLN A 411 1.30 -1.17 15.95
CA GLN A 411 2.27 -1.13 14.85
C GLN A 411 3.20 0.09 14.93
N PHE A 412 3.95 0.16 16.06
CA PHE A 412 4.96 1.18 16.27
C PHE A 412 6.25 0.79 15.54
N MET A 413 6.80 1.70 14.72
CA MET A 413 8.16 1.57 14.24
CA MET A 413 8.16 1.54 14.24
C MET A 413 9.10 1.55 15.45
N PRO A 414 10.12 0.67 15.52
CA PRO A 414 11.02 0.61 16.69
C PRO A 414 11.69 1.93 17.11
N PHE A 415 12.04 2.78 16.14
CA PHE A 415 12.68 4.05 16.46
C PHE A 415 11.78 4.91 17.34
N LEU A 416 10.51 5.03 16.96
CA LEU A 416 9.57 5.88 17.68
C LEU A 416 9.28 5.25 19.05
N ALA A 417 9.08 3.95 19.06
CA ALA A 417 8.82 3.22 20.28
C ALA A 417 9.94 3.45 21.32
N ASN A 418 11.20 3.46 20.89
CA ASN A 418 12.34 3.63 21.79
C ASN A 418 12.42 5.07 22.28
N HIS A 419 12.21 6.03 21.39
CA HIS A 419 12.15 7.42 21.76
C HIS A 419 11.11 7.65 22.87
N ILE A 420 9.89 7.14 22.70
CA ILE A 420 8.85 7.35 23.69
C ILE A 420 9.17 6.58 24.99
N GLY A 421 9.58 5.31 24.87
CA GLY A 421 9.77 4.46 26.04
C GLY A 421 10.98 4.83 26.91
N GLU A 422 12.04 5.35 26.28
CA GLU A 422 13.34 5.53 26.92
C GLU A 422 13.56 6.99 27.26
N LYS A 423 13.54 7.83 26.23
CA LYS A 423 13.72 9.26 26.39
C LYS A 423 12.52 9.86 27.13
N GLU A 424 11.29 9.81 26.57
CA GLU A 424 10.18 10.57 27.13
C GLU A 424 9.72 9.95 28.45
N LEU A 425 9.29 8.68 28.44
CA LEU A 425 8.62 8.08 29.59
C LEU A 425 9.62 7.45 30.57
N LYS A 426 10.90 7.34 30.20
CA LYS A 426 11.93 6.86 31.11
C LYS A 426 11.54 5.53 31.76
N ILE A 427 10.87 4.63 31.01
CA ILE A 427 10.39 3.38 31.57
C ILE A 427 11.59 2.51 31.96
N PRO A 428 11.67 2.03 33.22
CA PRO A 428 12.74 1.13 33.65
C PRO A 428 12.87 -0.15 32.80
N ASN A 429 14.05 -0.30 32.16
CA ASN A 429 14.47 -1.50 31.44
C ASN A 429 13.63 -1.70 30.17
N PHE A 430 13.22 -0.57 29.56
CA PHE A 430 12.35 -0.59 28.41
C PHE A 430 13.09 -1.34 27.31
N ASP A 431 12.36 -2.25 26.66
CA ASP A 431 12.79 -2.81 25.39
C ASP A 431 11.65 -2.63 24.37
N GLN A 432 11.98 -2.36 23.09
CA GLN A 432 11.01 -2.28 22.00
C GLN A 432 10.00 -3.45 21.99
N ASP A 433 10.36 -4.66 22.47
CA ASP A 433 9.40 -5.75 22.52
C ASP A 433 8.23 -5.52 23.48
N PHE A 434 8.31 -4.52 24.38
CA PHE A 434 7.17 -4.11 25.20
C PHE A 434 5.97 -3.66 24.35
N MET A 435 6.19 -3.27 23.09
CA MET A 435 5.11 -2.91 22.17
C MET A 435 4.14 -4.06 21.91
N PHE A 436 4.57 -5.31 22.17
CA PHE A 436 3.76 -6.50 22.07
C PHE A 436 2.78 -6.69 23.24
N LYS A 437 2.96 -5.89 24.32
CA LYS A 437 2.04 -5.92 25.46
C LYS A 437 0.88 -4.98 25.16
N PRO A 438 -0.39 -5.43 25.22
CA PRO A 438 -1.54 -4.55 24.94
C PRO A 438 -1.56 -3.26 25.76
N GLU A 439 -1.20 -3.33 27.04
CA GLU A 439 -1.26 -2.12 27.88
C GLU A 439 -0.25 -1.11 27.36
N ILE A 440 0.91 -1.60 26.91
CA ILE A 440 1.92 -0.68 26.40
C ILE A 440 1.50 -0.10 25.05
N ALA A 441 0.95 -0.95 24.16
CA ALA A 441 0.51 -0.51 22.84
C ALA A 441 -0.54 0.60 22.93
N TYR A 442 -1.60 0.38 23.74
CA TYR A 442 -2.69 1.36 23.90
C TYR A 442 -2.17 2.64 24.55
N TYR A 443 -1.32 2.47 25.58
CA TYR A 443 -0.74 3.61 26.28
C TYR A 443 0.10 4.46 25.34
N PHE A 444 0.97 3.80 24.55
CA PHE A 444 1.82 4.57 23.63
C PHE A 444 0.97 5.15 22.48
N GLY A 445 -0.01 4.39 21.99
CA GLY A 445 -0.90 4.91 20.94
C GLY A 445 -1.63 6.18 21.39
N ASN A 446 -2.16 6.14 22.62
CA ASN A 446 -2.80 7.32 23.20
C ASN A 446 -1.82 8.49 23.20
N TYR A 447 -0.59 8.24 23.71
CA TYR A 447 0.41 9.29 23.82
C TYR A 447 0.74 9.91 22.47
N HIS A 448 0.99 9.05 21.45
CA HIS A 448 1.33 9.55 20.13
C HIS A 448 0.11 10.20 19.48
N LEU A 449 -1.10 9.63 19.65
CA LEU A 449 -2.30 10.23 19.05
C LEU A 449 -2.56 11.63 19.62
N ASN A 450 -2.22 11.88 20.89
CA ASN A 450 -2.29 13.22 21.47
C ASN A 450 -1.35 14.20 20.77
N TYR A 451 -0.12 13.78 20.48
CA TYR A 451 0.78 14.68 19.77
C TYR A 451 0.18 15.06 18.41
N LEU A 452 -0.38 14.09 17.67
CA LEU A 452 -0.79 14.33 16.28
C LEU A 452 -2.07 15.17 16.23
N GLU A 453 -3.02 14.78 17.10
CA GLU A 453 -4.33 15.41 17.14
C GLU A 453 -4.21 16.87 17.57
N SER A 454 -3.31 17.13 18.52
CA SER A 454 -3.09 18.52 18.94
C SER A 454 -2.66 19.38 17.74
N ARG A 455 -1.94 18.80 16.76
CA ARG A 455 -1.49 19.58 15.61
C ARG A 455 -2.43 19.51 14.40
N LEU A 456 -3.25 18.44 14.28
CA LEU A 456 -3.92 18.15 13.02
C LEU A 456 -5.44 18.18 13.15
N LYS A 457 -6.00 17.77 14.30
CA LYS A 457 -7.43 17.98 14.61
C LYS A 457 -8.35 16.91 13.99
N SER A 458 -8.55 16.94 12.66
CA SER A 458 -9.33 15.92 11.97
C SER A 458 -8.76 14.53 12.20
N PRO A 459 -9.62 13.54 12.52
CA PRO A 459 -9.20 12.14 12.64
C PRO A 459 -8.69 11.53 11.32
N LEU A 460 -9.13 12.05 10.17
CA LEU A 460 -8.59 11.61 8.89
C LEU A 460 -7.11 12.04 8.74
N PHE A 461 -6.81 13.31 9.02
CA PHE A 461 -5.46 13.85 8.97
C PHE A 461 -4.55 13.16 9.98
N VAL A 462 -5.09 12.89 11.17
CA VAL A 462 -4.35 12.13 12.18
C VAL A 462 -3.98 10.75 11.63
N ALA A 463 -4.92 10.15 10.88
CA ALA A 463 -4.75 8.80 10.39
C ALA A 463 -3.63 8.80 9.35
N TYR A 464 -3.65 9.78 8.45
CA TYR A 464 -2.59 9.91 7.46
C TYR A 464 -1.21 10.05 8.12
N ALA A 465 -1.10 10.92 9.12
CA ALA A 465 0.13 11.17 9.87
C ALA A 465 0.56 9.95 10.68
N TYR A 466 -0.40 9.16 11.20
CA TYR A 466 -0.05 7.97 11.95
C TYR A 466 0.61 6.92 11.05
N ASN A 467 0.15 6.82 9.80
CA ASN A 467 0.61 5.79 8.89
C ASN A 467 1.89 6.26 8.16
N GLY A 468 1.95 7.56 7.84
CA GLY A 468 2.91 8.10 6.89
C GLY A 468 3.86 9.15 7.49
N GLY A 469 3.69 9.49 8.78
CA GLY A 469 4.45 10.53 9.45
C GLY A 469 3.85 11.93 9.30
N ILE A 470 4.06 12.78 10.32
CA ILE A 470 3.48 14.13 10.38
C ILE A 470 4.15 15.05 9.36
N GLY A 471 5.37 14.68 8.92
CA GLY A 471 6.11 15.49 7.96
C GLY A 471 5.45 15.50 6.59
N PHE A 472 5.14 14.30 6.07
CA PHE A 472 4.45 14.18 4.79
C PHE A 472 3.04 14.80 4.86
N THR A 473 2.38 14.67 6.02
CA THR A 473 1.00 15.14 6.14
C THR A 473 1.00 16.68 6.08
N ASN A 474 1.92 17.29 6.86
CA ASN A 474 2.14 18.74 6.89
C ASN A 474 2.46 19.27 5.50
N ARG A 475 3.32 18.56 4.75
CA ARG A 475 3.64 19.00 3.40
C ARG A 475 2.42 18.91 2.48
N MET A 476 1.63 17.83 2.60
CA MET A 476 0.46 17.70 1.74
C MET A 476 -0.54 18.82 2.02
N LEU A 477 -0.76 19.08 3.32
CA LEU A 477 -1.76 20.07 3.73
C LEU A 477 -1.28 21.50 3.47
N ALA A 478 0.03 21.71 3.29
CA ALA A 478 0.55 23.02 2.91
C ALA A 478 0.26 23.34 1.45
N ARG A 479 0.01 22.35 0.59
CA ARG A 479 -0.22 22.61 -0.82
C ARG A 479 -1.54 23.36 -0.94
N ASN A 480 -1.66 24.19 -1.98
CA ASN A 480 -2.82 25.04 -2.11
C ASN A 480 -3.88 24.30 -2.93
N ASP A 481 -3.62 23.06 -3.37
CA ASP A 481 -4.58 22.31 -4.15
C ASP A 481 -5.13 21.13 -3.35
N MET A 482 -4.79 20.98 -2.06
CA MET A 482 -5.22 19.86 -1.23
C MET A 482 -6.04 20.33 -0.03
N PHE A 483 -7.25 19.74 0.14
CA PHE A 483 -8.17 19.95 1.25
C PHE A 483 -8.58 21.43 1.42
N LYS A 484 -8.84 22.10 0.30
CA LYS A 484 -9.35 23.47 0.24
C LYS A 484 -10.80 23.40 -0.24
N THR A 485 -11.44 24.56 -0.44
CA THR A 485 -12.82 24.60 -0.93
C THR A 485 -12.84 24.22 -2.41
N GLY A 486 -13.96 23.58 -2.82
CA GLY A 486 -14.19 23.22 -4.20
C GLY A 486 -15.46 22.39 -4.36
N LYS A 487 -15.93 22.35 -5.60
CA LYS A 487 -17.10 21.63 -6.02
C LYS A 487 -17.14 20.22 -5.42
N PHE A 488 -16.02 19.48 -5.62
CA PHE A 488 -15.97 18.04 -5.36
C PHE A 488 -15.13 17.72 -4.12
N GLU A 489 -14.87 18.74 -3.30
CA GLU A 489 -14.06 18.57 -2.10
C GLU A 489 -14.95 18.22 -0.92
N PRO A 490 -14.46 17.53 0.14
CA PRO A 490 -13.05 17.09 0.21
C PRO A 490 -12.74 15.76 -0.49
N PHE A 491 -13.72 15.20 -1.19
CA PHE A 491 -13.63 13.87 -1.77
C PHE A 491 -12.48 13.77 -2.79
N LEU A 492 -12.32 14.81 -3.63
CA LEU A 492 -11.32 14.78 -4.68
C LEU A 492 -9.91 14.72 -4.06
N SER A 493 -9.67 15.53 -3.00
CA SER A 493 -8.41 15.56 -2.28
C SER A 493 -8.05 14.19 -1.72
N MET A 494 -9.05 13.44 -1.22
CA MET A 494 -8.82 12.10 -0.68
C MET A 494 -8.37 11.08 -1.73
N GLU A 495 -8.69 11.35 -3.01
CA GLU A 495 -8.24 10.57 -4.14
C GLU A 495 -6.81 10.94 -4.59
N LEU A 496 -6.24 12.05 -4.11
CA LEU A 496 -4.99 12.61 -4.64
C LEU A 496 -3.88 12.61 -3.58
N VAL A 497 -4.12 11.98 -2.42
CA VAL A 497 -3.12 11.80 -1.39
C VAL A 497 -1.97 11.05 -2.07
N PRO A 498 -0.73 11.62 -2.12
CA PRO A 498 0.31 11.08 -3.00
C PRO A 498 0.92 9.73 -2.65
N TYR A 499 0.63 9.13 -1.49
CA TYR A 499 1.09 7.76 -1.21
C TYR A 499 -0.10 6.81 -1.07
N GLN A 500 -0.12 5.81 -1.94
CA GLN A 500 -1.22 4.88 -2.09
C GLN A 500 -1.57 4.23 -0.76
N GLU A 501 -0.56 3.76 -0.05
CA GLU A 501 -0.77 3.15 1.24
C GLU A 501 -1.54 4.07 2.19
N SER A 502 -1.24 5.37 2.17
CA SER A 502 -1.76 6.34 3.13
C SER A 502 -3.17 6.78 2.70
N ARG A 503 -3.38 6.91 1.39
CA ARG A 503 -4.66 7.20 0.78
C ARG A 503 -5.72 6.15 1.17
N ILE A 504 -5.33 4.88 1.16
CA ILE A 504 -6.20 3.76 1.47
C ILE A 504 -6.40 3.69 2.99
N TYR A 505 -5.30 3.87 3.74
CA TYR A 505 -5.33 3.73 5.19
C TYR A 505 -6.33 4.73 5.81
N GLY A 506 -6.28 5.97 5.35
CA GLY A 506 -7.15 7.04 5.86
C GLY A 506 -8.66 6.77 5.67
N LYS A 507 -9.06 6.34 4.47
CA LYS A 507 -10.43 5.92 4.19
C LYS A 507 -10.89 4.79 5.10
N LYS A 508 -10.05 3.78 5.31
CA LYS A 508 -10.39 2.66 6.16
C LYS A 508 -10.48 3.06 7.62
N VAL A 509 -9.51 3.82 8.12
CA VAL A 509 -9.49 4.17 9.53
C VAL A 509 -10.69 5.09 9.86
N LEU A 510 -11.05 6.00 8.94
CA LEU A 510 -12.18 6.89 9.11
C LEU A 510 -13.50 6.12 9.25
N ALA A 511 -13.73 5.07 8.45
CA ALA A 511 -14.89 4.22 8.56
C ALA A 511 -14.89 3.50 9.91
N ASN A 512 -13.73 2.99 10.34
CA ASN A 512 -13.63 2.29 11.61
C ASN A 512 -14.03 3.24 12.75
N TYR A 513 -13.52 4.46 12.70
CA TYR A 513 -13.75 5.49 13.69
C TYR A 513 -15.24 5.78 13.84
N ILE A 514 -15.96 5.97 12.72
CA ILE A 514 -17.39 6.19 12.72
C ILE A 514 -18.09 5.03 13.41
N VAL A 515 -17.71 3.80 13.05
CA VAL A 515 -18.34 2.62 13.62
C VAL A 515 -18.14 2.60 15.15
N TYR A 516 -16.91 2.85 15.63
CA TYR A 516 -16.61 2.63 17.03
C TYR A 516 -17.28 3.75 17.85
N ARG A 517 -17.34 4.97 17.29
CA ARG A 517 -18.04 6.06 17.95
C ARG A 517 -19.50 5.66 18.17
N HIS A 518 -20.08 5.00 17.18
CA HIS A 518 -21.46 4.55 17.25
C HIS A 518 -21.64 3.45 18.29
N LEU A 519 -20.76 2.44 18.30
CA LEU A 519 -20.81 1.39 19.30
C LEU A 519 -20.59 1.95 20.70
N LEU A 520 -19.88 3.06 20.88
CA LEU A 520 -19.67 3.55 22.24
C LEU A 520 -20.76 4.55 22.66
N ASN A 521 -21.87 4.67 21.92
CA ASN A 521 -22.92 5.65 22.18
C ASN A 521 -22.38 7.07 22.21
N ASP A 522 -21.53 7.38 21.22
CA ASP A 522 -20.96 8.70 21.06
C ASP A 522 -20.93 9.04 19.56
N SER A 523 -22.06 8.82 18.92
CA SER A 523 -22.21 8.92 17.47
C SER A 523 -21.84 10.28 16.95
N ILE A 524 -21.29 10.32 15.74
CA ILE A 524 -21.15 11.54 14.97
C ILE A 524 -21.58 11.26 13.54
N LYS A 525 -22.13 12.29 12.89
CA LYS A 525 -22.50 12.24 11.48
C LYS A 525 -21.25 12.36 10.61
N ILE A 526 -21.09 11.43 9.64
CA ILE A 526 -19.88 11.46 8.84
C ILE A 526 -19.87 12.75 8.00
N SER A 527 -21.06 13.35 7.80
CA SER A 527 -21.14 14.62 7.09
C SER A 527 -20.48 15.75 7.89
N ASP A 528 -20.49 15.66 9.24
CA ASP A 528 -19.77 16.66 10.02
C ASP A 528 -18.25 16.50 9.82
N ILE A 529 -17.79 15.26 9.66
CA ILE A 529 -16.36 14.98 9.46
C ILE A 529 -15.92 15.61 8.15
N PHE A 530 -16.71 15.40 7.06
CA PHE A 530 -16.39 15.90 5.74
C PHE A 530 -16.34 17.43 5.74
N GLU A 531 -17.30 18.10 6.42
CA GLU A 531 -17.32 19.55 6.51
C GLU A 531 -16.05 20.10 7.18
N ASN A 532 -15.59 19.45 8.26
CA ASN A 532 -14.39 19.88 8.96
C ASN A 532 -13.09 19.67 8.17
N LEU A 533 -13.11 19.01 7.00
CA LEU A 533 -11.87 18.74 6.28
C LEU A 533 -11.50 19.93 5.40
N ILE A 534 -12.45 20.79 5.11
CA ILE A 534 -12.23 21.91 4.20
C ILE A 534 -11.74 23.12 5.01
N GLN A 535 -10.47 23.52 4.84
CA GLN A 535 -10.01 24.75 5.47
C GLN A 535 -10.07 25.93 4.49
N ASN A 536 -10.33 27.10 5.08
CA ASN A 536 -10.45 28.38 4.39
C ASN A 536 -9.44 29.35 5.01
#